data_3GD8
#
_entry.id   3GD8
#
_cell.length_a   82.058
_cell.length_b   82.058
_cell.length_c   76.353
_cell.angle_alpha   90.00
_cell.angle_beta   90.00
_cell.angle_gamma   90.00
#
_symmetry.space_group_name_H-M   'P 4 21 2'
#
loop_
_entity.id
_entity.type
_entity.pdbx_description
1 polymer Aquaporin-4
2 non-polymer GLYCEROL
3 non-polymer 'octyl beta-D-glucopyranoside'
4 water water
#
_entity_poly.entity_id   1
_entity_poly.type   'polypeptide(L)'
_entity_poly.pdbx_seq_one_letter_code
;QAFWKAVTAEFLAMLIFVLLSLGSTINWGGTEKPLPVDMVLISLCFGLSIATMVQCFGHISGGHINPAVTVAMVCTRKIS
IAKSVFYIAAQCLGAIIGAGILYLVTPPSVVGGLGVTMVHGNLTAGHGLLVELIITFQLVFTIFASCDSKRTDVTGSIAL
AIGFSVAIGHLFAINYTGASMNPARSFGPAVIMGNWENHWIYWVGPIIGAVLAGGLYEYVFCP
;
_entity_poly.pdbx_strand_id   A
#
# COMPACT_ATOMS: atom_id res chain seq x y z
N GLN A 1 0.66 20.22 -18.26
CA GLN A 1 1.55 19.03 -18.38
C GLN A 1 0.90 17.76 -17.81
N ALA A 2 0.87 16.72 -18.65
CA ALA A 2 0.35 15.43 -18.24
C ALA A 2 1.14 14.88 -17.06
N PHE A 3 2.45 15.08 -17.08
CA PHE A 3 3.33 14.58 -16.02
C PHE A 3 2.99 15.18 -14.65
N TRP A 4 2.79 16.50 -14.59
CA TRP A 4 2.47 17.11 -13.31
C TRP A 4 1.07 16.71 -12.81
N LYS A 5 0.12 16.52 -13.72
CA LYS A 5 -1.19 15.95 -13.37
C LYS A 5 -1.00 14.59 -12.72
N ALA A 6 -0.14 13.77 -13.32
CA ALA A 6 0.10 12.42 -12.84
C ALA A 6 0.72 12.42 -11.45
N VAL A 7 1.67 13.31 -11.23
CA VAL A 7 2.32 13.41 -9.92
C VAL A 7 1.32 13.88 -8.86
N THR A 8 0.50 14.87 -9.24
CA THR A 8 -0.53 15.37 -8.33
C THR A 8 -1.58 14.30 -8.04
N ALA A 9 -1.91 13.50 -9.05
CA ALA A 9 -2.84 12.37 -8.87
C ALA A 9 -2.29 11.34 -7.87
N GLU A 10 -1.00 11.01 -7.96
CA GLU A 10 -0.40 10.06 -7.04
C GLU A 10 -0.47 10.60 -5.60
N PHE A 11 -0.16 11.89 -5.43
CA PHE A 11 -0.26 12.55 -4.12
C PHE A 11 -1.68 12.47 -3.55
N LEU A 12 -2.66 12.87 -4.35
CA LEU A 12 -4.05 12.91 -3.89
C LEU A 12 -4.65 11.52 -3.64
N ALA A 13 -4.31 10.57 -4.51
CA ALA A 13 -4.74 9.19 -4.36
C ALA A 13 -4.23 8.62 -3.06
N MET A 14 -2.95 8.87 -2.77
CA MET A 14 -2.34 8.37 -1.54
C MET A 14 -2.97 9.00 -0.30
N LEU A 15 -3.17 10.31 -0.36
CA LEU A 15 -3.79 11.04 0.74
C LEU A 15 -5.15 10.42 1.10
N ILE A 16 -5.99 10.21 0.10
CA ILE A 16 -7.33 9.67 0.35
C ILE A 16 -7.27 8.22 0.83
N PHE A 17 -6.49 7.40 0.14
CA PHE A 17 -6.30 6.01 0.52
C PHE A 17 -5.88 5.89 1.99
N VAL A 18 -4.86 6.64 2.37
CA VAL A 18 -4.29 6.55 3.72
C VAL A 18 -5.26 7.09 4.78
N LEU A 19 -5.90 8.22 4.51
CA LEU A 19 -6.85 8.78 5.46
C LEU A 19 -7.98 7.78 5.77
N LEU A 20 -8.62 7.29 4.72
CA LEU A 20 -9.75 6.38 4.90
C LEU A 20 -9.32 5.06 5.53
N SER A 21 -8.25 4.49 5.03
CA SER A 21 -7.85 3.15 5.44
C SER A 21 -7.23 3.15 6.83
N LEU A 22 -6.35 4.10 7.13
CA LEU A 22 -5.88 4.20 8.51
C LEU A 22 -7.05 4.52 9.42
N GLY A 23 -7.99 5.32 8.92
CA GLY A 23 -9.18 5.65 9.69
C GLY A 23 -9.97 4.41 10.10
N SER A 24 -10.02 3.42 9.22
CA SER A 24 -10.72 2.17 9.51
C SER A 24 -10.06 1.37 10.65
N THR A 25 -8.80 1.66 10.95
CA THR A 25 -8.07 0.96 12.03
C THR A 25 -8.29 1.54 13.41
N ILE A 26 -8.91 2.71 13.48
CA ILE A 26 -9.06 3.40 14.75
C ILE A 26 -9.95 2.56 15.65
N ASN A 27 -9.46 2.30 16.85
CA ASN A 27 -10.19 1.50 17.81
C ASN A 27 -10.94 2.41 18.76
N TRP A 28 -12.26 2.52 18.54
CA TRP A 28 -13.07 3.46 19.28
C TRP A 28 -13.34 3.04 20.72
N GLY A 29 -12.86 1.86 21.12
CA GLY A 29 -12.82 1.47 22.53
C GLY A 29 -11.76 2.21 23.33
N GLY A 30 -10.76 2.74 22.66
CA GLY A 30 -9.67 3.48 23.29
C GLY A 30 -8.45 2.62 23.56
N THR A 31 -7.38 3.26 24.03
CA THR A 31 -6.15 2.56 24.38
C THR A 31 -6.27 1.80 25.71
N GLU A 32 -7.10 2.32 26.62
CA GLU A 32 -7.31 1.70 27.92
C GLU A 32 -8.18 0.44 27.85
N LYS A 33 -9.25 0.49 27.05
CA LYS A 33 -10.21 -0.62 26.95
C LYS A 33 -10.61 -0.91 25.50
N PRO A 34 -9.68 -1.52 24.72
CA PRO A 34 -9.92 -1.73 23.29
C PRO A 34 -11.02 -2.74 23.00
N LEU A 35 -11.92 -2.39 22.08
CA LEU A 35 -12.93 -3.31 21.59
C LEU A 35 -12.27 -4.34 20.67
N PRO A 36 -12.98 -5.45 20.39
CA PRO A 36 -12.44 -6.43 19.44
C PRO A 36 -12.04 -5.80 18.10
N VAL A 37 -10.93 -6.28 17.54
CA VAL A 37 -10.43 -5.79 16.24
C VAL A 37 -11.15 -6.47 15.09
N ASP A 38 -11.83 -5.68 14.26
CA ASP A 38 -12.57 -6.24 13.13
C ASP A 38 -11.64 -6.29 11.91
N MET A 39 -11.09 -7.48 11.69
CA MET A 39 -10.12 -7.72 10.63
C MET A 39 -10.76 -7.59 9.26
N VAL A 40 -12.04 -7.97 9.17
CA VAL A 40 -12.75 -7.84 7.90
C VAL A 40 -12.95 -6.38 7.55
N LEU A 41 -13.35 -5.58 8.54
CA LEU A 41 -13.56 -4.16 8.35
C LEU A 41 -12.29 -3.53 7.78
N ILE A 42 -11.14 -3.81 8.39
CA ILE A 42 -9.88 -3.19 7.97
C ILE A 42 -9.46 -3.71 6.59
N SER A 43 -9.55 -5.03 6.41
CA SER A 43 -9.12 -5.63 5.14
C SER A 43 -9.95 -5.11 3.97
N LEU A 44 -11.26 -5.03 4.16
CA LEU A 44 -12.14 -4.47 3.11
C LEU A 44 -11.88 -2.99 2.86
N CYS A 45 -11.64 -2.21 3.89
CA CYS A 45 -11.39 -0.79 3.66
C CYS A 45 -10.11 -0.59 2.87
N PHE A 46 -9.02 -1.27 3.24
CA PHE A 46 -7.76 -1.12 2.49
C PHE A 46 -7.92 -1.59 1.05
N GLY A 47 -8.52 -2.76 0.86
CA GLY A 47 -8.69 -3.33 -0.48
C GLY A 47 -9.60 -2.50 -1.35
N LEU A 48 -10.76 -2.13 -0.81
CA LEU A 48 -11.73 -1.35 -1.59
C LEU A 48 -11.26 0.08 -1.82
N SER A 49 -10.46 0.60 -0.89
CA SER A 49 -9.90 1.93 -1.08
C SER A 49 -8.89 1.97 -2.22
N ILE A 50 -8.04 0.94 -2.32
CA ILE A 50 -7.14 0.83 -3.46
C ILE A 50 -7.94 0.62 -4.76
N ALA A 51 -8.97 -0.22 -4.73
CA ALA A 51 -9.81 -0.41 -5.91
C ALA A 51 -10.40 0.91 -6.37
N THR A 52 -10.85 1.71 -5.41
CA THR A 52 -11.49 2.99 -5.71
C THR A 52 -10.46 3.98 -6.25
N MET A 53 -9.28 4.07 -5.65
CA MET A 53 -8.27 5.01 -6.12
C MET A 53 -7.71 4.62 -7.49
N VAL A 54 -7.61 3.33 -7.77
CA VAL A 54 -7.20 2.87 -9.10
C VAL A 54 -8.27 3.22 -10.14
N GLN A 55 -9.54 3.06 -9.76
CA GLN A 55 -10.67 3.48 -10.60
C GLN A 55 -10.58 4.98 -10.90
N CYS A 56 -10.30 5.77 -9.88
CA CYS A 56 -10.27 7.24 -10.01
C CYS A 56 -9.06 7.76 -10.80
N PHE A 57 -7.89 7.15 -10.60
CA PHE A 57 -6.63 7.73 -11.09
C PHE A 57 -5.80 6.86 -12.05
N GLY A 58 -6.26 5.64 -12.35
CA GLY A 58 -5.50 4.72 -13.21
C GLY A 58 -5.14 5.30 -14.57
N HIS A 59 -6.08 6.05 -15.14
CA HIS A 59 -5.90 6.66 -16.45
C HIS A 59 -5.14 7.99 -16.43
N ILE A 60 -4.92 8.54 -15.24
CA ILE A 60 -4.24 9.81 -15.07
C ILE A 60 -2.76 9.58 -14.74
N SER A 61 -2.47 8.69 -13.79
CA SER A 61 -1.09 8.40 -13.38
C SER A 61 -0.63 6.95 -13.57
N GLY A 62 -1.57 6.05 -13.83
CA GLY A 62 -1.30 4.61 -13.75
C GLY A 62 -1.75 4.05 -12.41
N GLY A 63 -2.09 4.93 -11.46
CA GLY A 63 -2.57 4.52 -10.14
C GLY A 63 -1.66 3.55 -9.38
N HIS A 64 -0.40 3.92 -9.21
CA HIS A 64 0.55 3.10 -8.44
C HIS A 64 0.23 3.16 -6.95
N ILE A 65 0.22 4.38 -6.42
N ILE A 65 0.19 4.38 -6.40
CA ILE A 65 -0.19 4.65 -5.04
CA ILE A 65 -0.24 4.59 -5.01
C ILE A 65 0.59 3.78 -4.04
C ILE A 65 0.59 3.78 -4.02
N ASN A 66 1.86 3.53 -4.37
CA ASN A 66 2.66 2.53 -3.69
C ASN A 66 4.09 2.56 -4.23
N PRO A 67 5.06 2.98 -3.42
CA PRO A 67 6.45 3.02 -3.87
C PRO A 67 7.00 1.66 -4.34
N ALA A 68 6.54 0.57 -3.74
CA ALA A 68 7.01 -0.76 -4.16
C ALA A 68 6.52 -1.06 -5.58
N VAL A 69 5.30 -0.66 -5.90
CA VAL A 69 4.80 -0.82 -7.27
C VAL A 69 5.62 0.01 -8.26
N THR A 70 5.85 1.28 -7.89
CA THR A 70 6.66 2.17 -8.69
C THR A 70 8.08 1.62 -8.93
N VAL A 71 8.71 1.09 -7.87
CA VAL A 71 10.03 0.47 -8.04
C VAL A 71 9.98 -0.73 -8.99
N ALA A 72 8.94 -1.56 -8.88
CA ALA A 72 8.81 -2.70 -9.79
C ALA A 72 8.68 -2.21 -11.23
N MET A 73 7.97 -1.11 -11.41
CA MET A 73 7.80 -0.53 -12.76
C MET A 73 9.10 0.03 -13.30
N VAL A 74 9.92 0.62 -12.43
CA VAL A 74 11.24 1.09 -12.82
C VAL A 74 12.13 -0.08 -13.25
N CYS A 75 12.12 -1.16 -12.47
CA CYS A 75 13.01 -2.29 -12.72
C CYS A 75 12.63 -3.10 -13.96
N THR A 76 11.37 -3.01 -14.37
CA THR A 76 10.90 -3.65 -15.58
C THR A 76 10.82 -2.64 -16.73
N ARG A 77 11.34 -1.44 -16.49
CA ARG A 77 11.49 -0.37 -17.49
C ARG A 77 10.13 0.11 -18.04
N LYS A 78 9.09 0.04 -17.21
CA LYS A 78 7.78 0.53 -17.62
C LYS A 78 7.60 2.01 -17.31
N ILE A 79 8.45 2.55 -16.43
CA ILE A 79 8.48 3.97 -16.12
C ILE A 79 9.94 4.44 -16.02
N SER A 80 10.18 5.70 -16.38
CA SER A 80 11.52 6.27 -16.28
C SER A 80 11.94 6.47 -14.83
N ILE A 81 13.25 6.48 -14.59
CA ILE A 81 13.79 6.77 -13.27
C ILE A 81 13.32 8.16 -12.81
N ALA A 82 13.40 9.14 -13.71
CA ALA A 82 12.97 10.50 -13.41
C ALA A 82 11.54 10.54 -12.88
N LYS A 83 10.62 9.88 -13.59
CA LYS A 83 9.22 9.86 -13.19
C LYS A 83 9.02 9.16 -11.86
N SER A 84 9.76 8.06 -11.65
CA SER A 84 9.65 7.27 -10.43
C SER A 84 10.02 8.04 -9.17
N VAL A 85 11.00 8.94 -9.25
CA VAL A 85 11.40 9.71 -8.06
C VAL A 85 10.29 10.69 -7.63
N PHE A 86 9.64 11.32 -8.61
CA PHE A 86 8.52 12.22 -8.31
C PHE A 86 7.29 11.48 -7.81
N TYR A 87 7.01 10.32 -8.38
CA TYR A 87 5.92 9.45 -7.87
C TYR A 87 6.16 9.06 -6.42
N ILE A 88 7.37 8.57 -6.12
CA ILE A 88 7.66 8.10 -4.77
C ILE A 88 7.60 9.28 -3.77
N ALA A 89 8.12 10.44 -4.17
CA ALA A 89 8.00 11.64 -3.34
C ALA A 89 6.54 12.00 -3.08
N ALA A 90 5.73 12.02 -4.13
CA ALA A 90 4.31 12.35 -4.01
C ALA A 90 3.56 11.37 -3.11
N GLN A 91 3.88 10.08 -3.28
CA GLN A 91 3.30 9.00 -2.47
C GLN A 91 3.65 9.17 -0.98
N CYS A 92 4.92 9.39 -0.67
CA CYS A 92 5.32 9.63 0.72
C CYS A 92 4.69 10.89 1.32
N LEU A 93 4.75 11.99 0.57
CA LEU A 93 4.10 13.23 1.00
C LEU A 93 2.59 13.08 1.19
N GLY A 94 1.93 12.43 0.24
CA GLY A 94 0.49 12.18 0.35
C GLY A 94 0.13 11.36 1.58
N ALA A 95 0.97 10.38 1.90
CA ALA A 95 0.73 9.51 3.05
C ALA A 95 0.89 10.29 4.36
N ILE A 96 1.88 11.17 4.40
CA ILE A 96 2.11 12.02 5.57
C ILE A 96 0.91 12.92 5.80
N ILE A 97 0.43 13.59 4.75
CA ILE A 97 -0.69 14.51 4.86
C ILE A 97 -1.99 13.77 5.19
N GLY A 98 -2.23 12.61 4.58
CA GLY A 98 -3.41 11.82 4.92
C GLY A 98 -3.42 11.37 6.37
N ALA A 99 -2.28 10.84 6.82
CA ALA A 99 -2.15 10.43 8.23
C ALA A 99 -2.26 11.63 9.16
N GLY A 100 -1.71 12.77 8.75
CA GLY A 100 -1.81 13.99 9.54
C GLY A 100 -3.24 14.49 9.68
N ILE A 101 -3.99 14.48 8.57
CA ILE A 101 -5.40 14.83 8.62
C ILE A 101 -6.17 13.89 9.56
N LEU A 102 -5.90 12.59 9.47
CA LEU A 102 -6.54 11.62 10.36
C LEU A 102 -6.24 11.97 11.82
N TYR A 103 -4.98 12.26 12.12
CA TYR A 103 -4.58 12.66 13.48
C TYR A 103 -5.36 13.87 13.96
N LEU A 104 -5.53 14.85 13.08
CA LEU A 104 -6.22 16.09 13.45
C LEU A 104 -7.71 15.88 13.76
N VAL A 105 -8.36 14.98 13.02
CA VAL A 105 -9.81 14.80 13.20
C VAL A 105 -10.17 13.69 14.18
N THR A 106 -9.20 12.91 14.64
CA THR A 106 -9.47 11.77 15.51
C THR A 106 -9.31 12.17 16.98
N PRO A 107 -10.29 11.85 17.84
CA PRO A 107 -10.08 12.18 19.25
C PRO A 107 -8.79 11.58 19.81
N PRO A 108 -8.01 12.37 20.57
CA PRO A 108 -6.75 11.84 21.12
C PRO A 108 -6.90 10.51 21.86
N SER A 109 -8.03 10.30 22.54
CA SER A 109 -8.28 9.08 23.32
C SER A 109 -8.34 7.78 22.49
N VAL A 110 -8.62 7.89 21.19
CA VAL A 110 -8.73 6.71 20.34
C VAL A 110 -7.69 6.67 19.21
N VAL A 111 -6.84 7.70 19.09
CA VAL A 111 -5.77 7.70 18.09
C VAL A 111 -4.94 6.42 18.12
N GLY A 112 -4.58 5.97 19.32
CA GLY A 112 -3.80 4.75 19.46
C GLY A 112 -2.51 4.82 18.64
N GLY A 113 -2.27 3.81 17.82
CA GLY A 113 -1.10 3.78 16.94
C GLY A 113 -1.23 4.50 15.61
N LEU A 114 -2.39 5.10 15.34
CA LEU A 114 -2.70 5.76 14.07
C LEU A 114 -2.44 4.82 12.87
N GLY A 115 -2.71 3.53 13.05
CA GLY A 115 -2.53 2.54 11.99
C GLY A 115 -1.11 2.28 11.51
N VAL A 116 -0.12 2.59 12.35
CA VAL A 116 1.27 2.22 12.05
C VAL A 116 1.32 0.69 11.93
N THR A 117 2.12 0.20 10.99
CA THR A 117 2.31 -1.22 10.79
C THR A 117 3.45 -1.67 11.68
N MET A 118 3.19 -2.68 12.51
CA MET A 118 4.19 -3.23 13.41
C MET A 118 4.24 -4.74 13.36
N VAL A 119 5.42 -5.28 13.59
CA VAL A 119 5.62 -6.72 13.65
C VAL A 119 5.09 -7.26 14.98
N HIS A 120 4.33 -8.34 14.92
CA HIS A 120 3.87 -9.01 16.14
C HIS A 120 5.05 -9.31 17.06
N GLY A 121 4.83 -9.16 18.37
CA GLY A 121 5.87 -9.44 19.35
C GLY A 121 6.46 -10.84 19.27
N ASN A 122 5.64 -11.82 18.87
CA ASN A 122 6.09 -13.21 18.78
C ASN A 122 6.61 -13.58 17.38
N LEU A 123 6.75 -12.59 16.50
CA LEU A 123 7.48 -12.74 15.23
C LEU A 123 8.83 -12.08 15.29
N THR A 124 9.79 -12.62 14.56
CA THR A 124 11.06 -11.92 14.35
C THR A 124 10.91 -10.91 13.21
N ALA A 125 11.82 -9.93 13.15
CA ALA A 125 11.84 -8.99 12.02
C ALA A 125 12.07 -9.72 10.69
N GLY A 126 12.90 -10.76 10.72
CA GLY A 126 13.13 -11.59 9.53
C GLY A 126 11.87 -12.24 9.01
N HIS A 127 11.07 -12.82 9.91
CA HIS A 127 9.80 -13.43 9.49
C HIS A 127 8.81 -12.38 9.04
N GLY A 128 8.80 -11.22 9.69
CA GLY A 128 8.00 -10.10 9.22
C GLY A 128 8.38 -9.65 7.81
N LEU A 129 9.68 -9.59 7.54
CA LEU A 129 10.18 -9.24 6.21
C LEU A 129 9.66 -10.23 5.17
N LEU A 130 9.70 -11.52 5.50
CA LEU A 130 9.26 -12.57 4.58
C LEU A 130 7.76 -12.47 4.29
N VAL A 131 6.97 -12.24 5.33
CA VAL A 131 5.54 -12.05 5.18
C VAL A 131 5.26 -10.89 4.25
N GLU A 132 5.92 -9.75 4.48
CA GLU A 132 5.70 -8.57 3.65
C GLU A 132 6.16 -8.80 2.21
N LEU A 133 7.26 -9.52 2.03
CA LEU A 133 7.75 -9.89 0.70
C LEU A 133 6.67 -10.70 -0.04
N ILE A 134 6.12 -11.72 0.60
CA ILE A 134 5.17 -12.58 -0.08
C ILE A 134 3.84 -11.88 -0.40
N ILE A 135 3.28 -11.15 0.57
CA ILE A 135 2.02 -10.46 0.31
C ILE A 135 2.18 -9.37 -0.76
N THR A 136 3.32 -8.70 -0.80
CA THR A 136 3.55 -7.70 -1.82
C THR A 136 3.80 -8.36 -3.18
N PHE A 137 4.54 -9.48 -3.18
CA PHE A 137 4.73 -10.25 -4.40
C PHE A 137 3.39 -10.56 -5.11
N GLN A 138 2.43 -11.11 -4.37
CA GLN A 138 1.17 -11.51 -5.00
C GLN A 138 0.40 -10.28 -5.50
N LEU A 139 0.49 -9.18 -4.77
CA LEU A 139 -0.13 -7.92 -5.18
C LEU A 139 0.45 -7.41 -6.50
N VAL A 140 1.77 -7.36 -6.59
CA VAL A 140 2.42 -6.82 -7.76
C VAL A 140 2.24 -7.75 -8.96
N PHE A 141 2.27 -9.06 -8.71
CA PHE A 141 1.97 -10.03 -9.77
C PHE A 141 0.55 -9.80 -10.31
N THR A 142 -0.41 -9.58 -9.42
CA THR A 142 -1.80 -9.29 -9.83
C THR A 142 -1.89 -8.04 -10.72
N ILE A 143 -1.16 -7.00 -10.32
CA ILE A 143 -1.12 -5.76 -11.10
C ILE A 143 -0.54 -6.02 -12.51
N PHE A 144 0.60 -6.70 -12.60
CA PHE A 144 1.22 -6.97 -13.91
C PHE A 144 0.34 -7.89 -14.77
N ALA A 145 -0.25 -8.91 -14.17
CA ALA A 145 -1.13 -9.83 -14.89
C ALA A 145 -2.40 -9.14 -15.38
N SER A 146 -2.97 -8.27 -14.55
CA SER A 146 -4.23 -7.59 -14.87
C SER A 146 -4.07 -6.56 -15.96
N CYS A 147 -2.90 -5.92 -16.01
CA CYS A 147 -2.64 -4.82 -16.95
C CYS A 147 -1.90 -5.24 -18.21
N ASP A 148 -1.65 -6.53 -18.38
CA ASP A 148 -0.87 -7.05 -19.51
C ASP A 148 -1.65 -6.92 -20.83
N SER A 149 -1.20 -6.02 -21.70
CA SER A 149 -1.86 -5.75 -22.98
C SER A 149 -1.87 -6.93 -23.95
N LYS A 150 -0.96 -7.89 -23.76
CA LYS A 150 -0.93 -9.09 -24.59
C LYS A 150 -2.16 -9.97 -24.33
N ARG A 151 -2.74 -9.85 -23.14
CA ARG A 151 -3.87 -10.69 -22.77
C ARG A 151 -5.14 -10.28 -23.48
N THR A 152 -5.88 -11.27 -23.96
CA THR A 152 -7.20 -11.06 -24.55
C THR A 152 -8.29 -11.58 -23.61
N ASP A 153 -7.88 -12.14 -22.48
CA ASP A 153 -8.78 -12.91 -21.63
C ASP A 153 -9.08 -12.25 -20.28
N VAL A 154 -8.55 -11.05 -20.02
CA VAL A 154 -8.86 -10.37 -18.75
C VAL A 154 -10.33 -9.94 -18.76
N THR A 155 -11.05 -10.31 -17.70
CA THR A 155 -12.47 -9.99 -17.61
C THR A 155 -12.79 -9.19 -16.33
N GLY A 156 -13.81 -8.35 -16.41
CA GLY A 156 -14.26 -7.60 -15.23
C GLY A 156 -13.30 -6.49 -14.87
N SER A 157 -13.45 -5.97 -13.66
CA SER A 157 -12.71 -4.78 -13.21
C SER A 157 -11.27 -5.09 -12.85
N ILE A 158 -10.34 -4.41 -13.52
CA ILE A 158 -8.93 -4.51 -13.13
C ILE A 158 -8.71 -3.89 -11.74
N ALA A 159 -9.35 -2.75 -11.50
CA ALA A 159 -9.25 -2.08 -10.20
C ALA A 159 -9.69 -3.00 -9.05
N LEU A 160 -10.80 -3.70 -9.25
CA LEU A 160 -11.32 -4.57 -8.20
C LEU A 160 -10.40 -5.77 -7.99
N ALA A 161 -9.84 -6.31 -9.06
CA ALA A 161 -8.86 -7.41 -8.93
C ALA A 161 -7.67 -7.00 -8.05
N ILE A 162 -7.16 -5.80 -8.27
CA ILE A 162 -6.04 -5.29 -7.50
C ILE A 162 -6.47 -5.05 -6.05
N GLY A 163 -7.63 -4.42 -5.85
CA GLY A 163 -8.14 -4.19 -4.52
C GLY A 163 -8.35 -5.46 -3.72
N PHE A 164 -8.85 -6.52 -4.36
CA PHE A 164 -9.01 -7.77 -3.63
C PHE A 164 -7.68 -8.46 -3.30
N SER A 165 -6.65 -8.23 -4.12
CA SER A 165 -5.30 -8.69 -3.81
C SER A 165 -4.78 -7.99 -2.53
N VAL A 166 -5.05 -6.70 -2.43
CA VAL A 166 -4.74 -5.95 -1.20
C VAL A 166 -5.52 -6.55 -0.03
N ALA A 167 -6.80 -6.83 -0.24
CA ALA A 167 -7.66 -7.36 0.83
C ALA A 167 -7.11 -8.68 1.38
N ILE A 168 -6.72 -9.61 0.50
CA ILE A 168 -6.20 -10.90 0.98
C ILE A 168 -4.87 -10.79 1.71
N GLY A 169 -4.03 -9.84 1.31
CA GLY A 169 -2.80 -9.53 2.03
C GLY A 169 -3.09 -9.18 3.47
N HIS A 170 -4.15 -8.41 3.68
CA HIS A 170 -4.62 -8.05 5.02
C HIS A 170 -5.28 -9.19 5.79
N LEU A 171 -6.16 -9.94 5.13
CA LEU A 171 -6.89 -11.01 5.80
C LEU A 171 -5.91 -12.06 6.36
N PHE A 172 -4.78 -12.22 5.68
CA PHE A 172 -3.67 -13.05 6.17
C PHE A 172 -2.82 -12.29 7.22
N ALA A 173 -2.24 -11.17 6.81
CA ALA A 173 -1.09 -10.61 7.51
C ALA A 173 -1.32 -9.49 8.52
N ILE A 174 -2.56 -9.02 8.72
CA ILE A 174 -2.76 -7.91 9.67
C ILE A 174 -2.11 -8.17 11.03
N ASN A 175 -2.36 -9.34 11.61
CA ASN A 175 -1.81 -9.65 12.94
C ASN A 175 -0.32 -10.03 12.95
N TYR A 176 0.24 -10.38 11.80
CA TYR A 176 1.65 -10.72 11.68
C TYR A 176 2.53 -9.47 11.60
N THR A 177 2.17 -8.58 10.68
CA THR A 177 3.01 -7.40 10.35
C THR A 177 2.25 -6.09 10.17
N GLY A 178 0.93 -6.12 10.30
CA GLY A 178 0.11 -4.98 9.91
C GLY A 178 -0.23 -4.95 8.42
N ALA A 179 0.29 -5.89 7.64
CA ALA A 179 -0.03 -6.02 6.19
C ALA A 179 0.18 -4.71 5.41
N SER A 180 1.40 -4.22 5.42
CA SER A 180 1.70 -2.97 4.76
C SER A 180 1.57 -3.06 3.24
N MET A 181 2.39 -3.92 2.64
CA MET A 181 2.49 -4.06 1.18
CA MET A 181 2.51 -4.05 1.19
C MET A 181 2.88 -2.76 0.47
N ASN A 182 3.28 -1.73 1.22
CA ASN A 182 3.27 -0.36 0.70
C ASN A 182 4.11 0.54 1.59
N PRO A 183 5.36 0.81 1.18
CA PRO A 183 6.26 1.61 2.01
C PRO A 183 5.72 2.99 2.43
N ALA A 184 5.02 3.67 1.50
CA ALA A 184 4.46 4.99 1.80
C ALA A 184 3.36 4.92 2.86
N ARG A 185 2.53 3.88 2.75
CA ARG A 185 1.43 3.69 3.69
C ARG A 185 1.95 3.48 5.11
N SER A 186 3.13 2.85 5.23
CA SER A 186 3.78 2.71 6.53
C SER A 186 4.49 4.01 6.95
N PHE A 187 5.13 4.66 6.00
CA PHE A 187 5.89 5.89 6.23
C PHE A 187 5.03 7.04 6.81
N GLY A 188 3.84 7.23 6.26
CA GLY A 188 2.99 8.36 6.64
C GLY A 188 2.72 8.42 8.13
N PRO A 189 2.10 7.38 8.70
CA PRO A 189 1.82 7.43 10.14
C PRO A 189 3.07 7.29 11.01
N ALA A 190 4.12 6.65 10.49
CA ALA A 190 5.41 6.62 11.18
C ALA A 190 5.92 8.05 11.41
N VAL A 191 5.84 8.89 10.39
CA VAL A 191 6.23 10.29 10.51
C VAL A 191 5.38 11.05 11.54
N ILE A 192 4.06 10.91 11.46
CA ILE A 192 3.16 11.65 12.35
C ILE A 192 3.37 11.22 13.81
N MET A 193 3.50 9.92 14.04
CA MET A 193 3.58 9.39 15.41
C MET A 193 5.01 9.26 15.93
N GLY A 194 6.01 9.45 15.06
CA GLY A 194 7.40 9.21 15.47
C GLY A 194 7.64 7.76 15.89
N ASN A 195 6.99 6.82 15.20
CA ASN A 195 7.10 5.40 15.51
C ASN A 195 7.80 4.69 14.36
N TRP A 196 9.05 4.28 14.59
CA TRP A 196 9.92 3.74 13.54
C TRP A 196 10.32 2.29 13.76
N GLU A 197 9.53 1.58 14.57
CA GLU A 197 9.88 0.22 15.00
C GLU A 197 9.91 -0.76 13.83
N ASN A 198 11.09 -1.32 13.55
CA ASN A 198 11.30 -2.20 12.40
C ASN A 198 10.91 -1.58 11.07
N HIS A 199 10.99 -0.26 10.99
CA HIS A 199 10.41 0.43 9.83
C HIS A 199 11.04 -0.04 8.51
N TRP A 200 12.34 -0.34 8.53
CA TRP A 200 13.04 -0.77 7.33
C TRP A 200 12.41 -1.99 6.63
N ILE A 201 11.76 -2.89 7.39
CA ILE A 201 11.19 -4.08 6.76
C ILE A 201 10.04 -3.72 5.81
N TYR A 202 9.39 -2.58 6.07
CA TYR A 202 8.26 -2.12 5.27
C TYR A 202 8.70 -1.40 3.98
N TRP A 203 10.01 -1.18 3.85
CA TRP A 203 10.61 -0.76 2.59
C TRP A 203 11.23 -1.96 1.90
N VAL A 204 12.09 -2.69 2.60
CA VAL A 204 12.84 -3.79 1.98
C VAL A 204 11.93 -4.97 1.58
N GLY A 205 11.03 -5.36 2.48
CA GLY A 205 10.12 -6.48 2.18
C GLY A 205 9.28 -6.24 0.94
N PRO A 206 8.48 -5.16 0.94
CA PRO A 206 7.64 -4.89 -0.23
C PRO A 206 8.42 -4.65 -1.51
N ILE A 207 9.53 -3.92 -1.43
CA ILE A 207 10.31 -3.63 -2.63
C ILE A 207 10.88 -4.91 -3.24
N ILE A 208 11.45 -5.80 -2.40
CA ILE A 208 11.97 -7.06 -2.93
C ILE A 208 10.84 -7.90 -3.53
N GLY A 209 9.71 -8.00 -2.82
CA GLY A 209 8.57 -8.77 -3.31
C GLY A 209 8.08 -8.23 -4.65
N ALA A 210 8.01 -6.90 -4.75
CA ALA A 210 7.51 -6.24 -5.95
C ALA A 210 8.42 -6.47 -7.15
N VAL A 211 9.72 -6.32 -6.94
CA VAL A 211 10.70 -6.51 -8.01
C VAL A 211 10.74 -7.97 -8.48
N LEU A 212 10.68 -8.92 -7.53
CA LEU A 212 10.59 -10.33 -7.89
C LEU A 212 9.34 -10.62 -8.74
N ALA A 213 8.20 -10.06 -8.35
CA ALA A 213 6.95 -10.31 -9.08
C ALA A 213 7.01 -9.73 -10.49
N GLY A 214 7.40 -8.46 -10.57
CA GLY A 214 7.55 -7.78 -11.86
C GLY A 214 8.52 -8.49 -12.77
N GLY A 215 9.68 -8.86 -12.22
CA GLY A 215 10.69 -9.60 -12.95
C GLY A 215 10.22 -10.95 -13.44
N LEU A 216 9.57 -11.72 -12.55
CA LEU A 216 9.05 -13.03 -12.91
C LEU A 216 7.96 -12.90 -13.97
N TYR A 217 7.08 -11.91 -13.81
CA TYR A 217 6.00 -11.75 -14.79
C TYR A 217 6.54 -11.38 -16.17
N GLU A 218 7.36 -10.35 -16.20
CA GLU A 218 7.80 -9.74 -17.46
C GLU A 218 8.82 -10.58 -18.19
N TYR A 219 9.67 -11.30 -17.46
CA TYR A 219 10.80 -11.97 -18.07
C TYR A 219 10.76 -13.49 -18.01
N VAL A 220 9.93 -14.07 -17.14
CA VAL A 220 9.86 -15.52 -17.05
C VAL A 220 8.53 -16.05 -17.58
N PHE A 221 7.41 -15.57 -17.04
CA PHE A 221 6.12 -16.12 -17.44
C PHE A 221 5.58 -15.54 -18.75
N CYS A 222 5.53 -14.22 -18.87
CA CYS A 222 4.86 -13.60 -20.01
C CYS A 222 5.73 -12.56 -20.72
N PRO A 223 6.88 -13.00 -21.26
CA PRO A 223 7.70 -12.11 -22.04
C PRO A 223 7.06 -11.78 -23.38
#